data_3DRN
#
_entry.id   3DRN
#
_cell.length_a   42.841
_cell.length_b   91.829
_cell.length_c   52.542
_cell.angle_alpha   90.00
_cell.angle_beta   95.74
_cell.angle_gamma   90.00
#
_symmetry.space_group_name_H-M   'P 1 21 1'
#
loop_
_entity.id
_entity.type
_entity.pdbx_description
1 polymer 'Peroxiredoxin, bacterioferritin comigratory protein homolog'
2 non-polymer 'CITRIC ACID'
3 non-polymer GLYCEROL
4 water water
#
_entity_poly.entity_id   1
_entity_poly.type   'polypeptide(L)'
_entity_poly.pdbx_seq_one_letter_code
;MVKVGDKAPLFEGIADNGEKISLSDYIGKHNIVLYFYPKDDTPGSTREASAFRDNWDLLKDYDVVVIGVSSDDINSHKRF
KEKYKLPFILVSDPDKKIRELYGAKGFILPARITFVIDKKGIIRHIYNSQMNPANHVNEALKALKQIKEEEISLEHHHHH
H
;
_entity_poly.pdbx_strand_id   A,B
#
loop_
_chem_comp.id
_chem_comp.type
_chem_comp.name
_chem_comp.formula
CIT non-polymer 'CITRIC ACID' 'C6 H8 O7'
GOL non-polymer GLYCEROL 'C3 H8 O3'
#
# COMPACT_ATOMS: atom_id res chain seq x y z
N VAL A 2 13.04 -15.66 -7.07
CA VAL A 2 12.26 -16.43 -6.05
C VAL A 2 12.06 -17.87 -6.51
N LYS A 3 12.65 -18.82 -5.78
CA LYS A 3 12.53 -20.22 -6.14
C LYS A 3 12.32 -21.10 -4.90
N VAL A 4 11.84 -22.31 -5.14
CA VAL A 4 11.62 -23.27 -4.07
C VAL A 4 12.91 -23.44 -3.27
N GLY A 5 12.81 -23.28 -1.95
CA GLY A 5 13.99 -23.40 -1.11
C GLY A 5 14.45 -22.06 -0.56
N ASP A 6 14.11 -20.97 -1.24
CA ASP A 6 14.50 -19.65 -0.75
C ASP A 6 13.60 -19.23 0.41
N LYS A 7 14.08 -18.27 1.20
CA LYS A 7 13.27 -17.74 2.29
C LYS A 7 12.25 -16.86 1.57
N ALA A 8 11.02 -16.82 2.05
CA ALA A 8 10.01 -15.98 1.42
C ALA A 8 10.32 -14.52 1.69
N PRO A 9 10.34 -13.68 0.64
CA PRO A 9 10.62 -12.26 0.80
C PRO A 9 9.59 -11.59 1.71
N LEU A 10 10.06 -10.79 2.65
CA LEU A 10 9.17 -10.11 3.58
C LEU A 10 8.60 -8.84 2.96
N PHE A 11 7.38 -8.49 3.34
CA PHE A 11 6.74 -7.29 2.82
C PHE A 11 5.64 -6.82 3.76
N GLU A 12 5.20 -5.60 3.53
CA GLU A 12 4.12 -4.99 4.31
C GLU A 12 3.12 -4.38 3.33
N GLY A 13 1.83 -4.57 3.60
CA GLY A 13 0.82 -4.01 2.73
C GLY A 13 -0.46 -3.71 3.48
N ILE A 14 -1.46 -3.21 2.77
CA ILE A 14 -2.75 -2.90 3.39
C ILE A 14 -3.76 -3.98 3.06
N ALA A 15 -4.34 -4.58 4.09
CA ALA A 15 -5.35 -5.63 3.92
C ALA A 15 -6.72 -5.03 3.66
N ASP A 16 -7.65 -5.87 3.20
CA ASP A 16 -9.01 -5.47 2.88
C ASP A 16 -9.76 -4.84 4.06
N ASN A 17 -9.28 -5.09 5.28
CA ASN A 17 -9.94 -4.51 6.44
C ASN A 17 -9.32 -3.15 6.80
N GLY A 18 -8.52 -2.62 5.88
CA GLY A 18 -7.89 -1.32 6.12
C GLY A 18 -6.72 -1.38 7.09
N GLU A 19 -6.43 -2.58 7.59
CA GLU A 19 -5.32 -2.77 8.51
C GLU A 19 -4.04 -3.07 7.75
N LYS A 20 -2.90 -2.70 8.30
CA LYS A 20 -1.64 -3.00 7.66
C LYS A 20 -1.32 -4.46 7.96
N ILE A 21 -0.65 -5.12 7.03
CA ILE A 21 -0.32 -6.52 7.21
C ILE A 21 1.17 -6.72 6.94
N SER A 22 1.81 -7.50 7.79
N SER A 22 1.82 -7.50 7.80
CA SER A 22 3.24 -7.78 7.64
CA SER A 22 3.24 -7.79 7.66
C SER A 22 3.43 -9.29 7.56
C SER A 22 3.41 -9.31 7.55
N LEU A 23 4.03 -9.76 6.46
CA LEU A 23 4.23 -11.19 6.28
C LEU A 23 4.96 -11.79 7.49
N SER A 24 5.91 -11.04 8.06
CA SER A 24 6.66 -11.53 9.20
C SER A 24 5.79 -11.87 10.40
N ASP A 25 4.57 -11.33 10.46
CA ASP A 25 3.69 -11.61 11.57
C ASP A 25 3.08 -13.01 11.49
N TYR A 26 3.19 -13.65 10.33
CA TYR A 26 2.65 -14.99 10.14
C TYR A 26 3.77 -16.01 10.01
N ILE A 27 4.94 -15.56 9.56
CA ILE A 27 6.08 -16.44 9.38
C ILE A 27 6.40 -17.15 10.69
N GLY A 28 6.55 -18.46 10.61
CA GLY A 28 6.87 -19.25 11.80
C GLY A 28 5.67 -19.64 12.62
N LYS A 29 4.57 -18.91 12.46
CA LYS A 29 3.35 -19.20 13.22
C LYS A 29 2.39 -20.12 12.50
N HIS A 30 2.33 -20.01 11.17
CA HIS A 30 1.45 -20.84 10.36
C HIS A 30 2.03 -21.01 8.98
N ASN A 31 1.52 -21.99 8.26
CA ASN A 31 1.95 -22.20 6.89
C ASN A 31 1.26 -21.06 6.16
N ILE A 32 1.80 -20.67 5.02
CA ILE A 32 1.19 -19.56 4.29
C ILE A 32 1.02 -19.86 2.82
N VAL A 33 -0.14 -19.46 2.31
CA VAL A 33 -0.44 -19.60 0.89
C VAL A 33 -0.62 -18.15 0.44
N LEU A 34 0.30 -17.67 -0.37
CA LEU A 34 0.26 -16.30 -0.87
C LEU A 34 -0.04 -16.40 -2.36
N TYR A 35 -1.23 -15.99 -2.77
CA TYR A 35 -1.52 -16.10 -4.19
C TYR A 35 -1.81 -14.77 -4.86
N PHE A 36 -1.22 -14.61 -6.04
CA PHE A 36 -1.37 -13.41 -6.84
C PHE A 36 -2.35 -13.69 -7.95
N TYR A 37 -3.25 -12.73 -8.19
CA TYR A 37 -4.23 -12.86 -9.25
C TYR A 37 -4.32 -11.49 -9.92
N PRO A 38 -4.65 -11.44 -11.22
CA PRO A 38 -4.73 -10.19 -11.98
C PRO A 38 -5.68 -9.09 -11.50
N LYS A 39 -6.97 -9.40 -11.42
CA LYS A 39 -7.94 -8.37 -11.03
C LYS A 39 -9.16 -8.91 -10.30
N ASP A 40 -9.69 -8.10 -9.40
CA ASP A 40 -10.87 -8.48 -8.63
C ASP A 40 -12.10 -8.69 -9.50
N ASP A 41 -12.97 -9.58 -9.05
CA ASP A 41 -14.23 -9.85 -9.70
C ASP A 41 -14.21 -10.06 -11.22
N THR A 42 -13.34 -10.94 -11.68
CA THR A 42 -13.28 -11.29 -13.10
C THR A 42 -13.54 -12.80 -13.11
N PRO A 43 -13.97 -13.35 -14.25
CA PRO A 43 -14.25 -14.79 -14.37
C PRO A 43 -13.19 -15.70 -13.72
N GLY A 44 -11.98 -15.62 -14.23
CA GLY A 44 -10.89 -16.45 -13.72
C GLY A 44 -10.51 -16.24 -12.26
N SER A 45 -10.33 -14.99 -11.84
CA SER A 45 -9.95 -14.72 -10.47
C SER A 45 -11.08 -15.02 -9.51
N THR A 46 -12.31 -14.87 -9.97
CA THR A 46 -13.45 -15.16 -9.13
C THR A 46 -13.48 -16.68 -8.90
N ARG A 47 -13.16 -17.42 -9.96
CA ARG A 47 -13.12 -18.88 -9.91
C ARG A 47 -12.02 -19.32 -8.94
N GLU A 48 -10.86 -18.69 -9.04
CA GLU A 48 -9.74 -19.02 -8.16
C GLU A 48 -10.10 -18.71 -6.71
N ALA A 49 -10.64 -17.52 -6.47
CA ALA A 49 -11.02 -17.12 -5.12
C ALA A 49 -12.10 -18.07 -4.59
N SER A 50 -13.04 -18.43 -5.44
CA SER A 50 -14.14 -19.33 -5.06
C SER A 50 -13.61 -20.70 -4.68
N ALA A 51 -12.64 -21.21 -5.44
CA ALA A 51 -12.04 -22.51 -5.14
C ALA A 51 -11.41 -22.48 -3.76
N PHE A 52 -10.71 -21.40 -3.44
CA PHE A 52 -10.09 -21.29 -2.12
C PHE A 52 -11.19 -21.26 -1.05
N ARG A 53 -12.27 -20.53 -1.32
CA ARG A 53 -13.38 -20.44 -0.37
C ARG A 53 -13.96 -21.84 -0.14
N ASP A 54 -14.25 -22.54 -1.23
CA ASP A 54 -14.85 -23.87 -1.16
C ASP A 54 -14.01 -24.91 -0.42
N ASN A 55 -12.73 -24.63 -0.20
CA ASN A 55 -11.87 -25.57 0.51
C ASN A 55 -11.42 -25.01 1.84
N TRP A 56 -12.06 -23.93 2.29
CA TRP A 56 -11.70 -23.29 3.53
C TRP A 56 -11.58 -24.25 4.72
N ASP A 57 -12.62 -25.06 4.92
CA ASP A 57 -12.61 -26.00 6.03
C ASP A 57 -11.49 -27.02 5.93
N LEU A 58 -11.21 -27.51 4.72
CA LEU A 58 -10.13 -28.47 4.55
C LEU A 58 -8.80 -27.80 4.89
N LEU A 59 -8.63 -26.56 4.44
CA LEU A 59 -7.41 -25.81 4.69
C LEU A 59 -7.12 -25.61 6.19
N LYS A 60 -8.17 -25.70 7.01
CA LYS A 60 -8.00 -25.54 8.46
C LYS A 60 -7.17 -26.67 9.06
N ASP A 61 -7.23 -27.86 8.44
CA ASP A 61 -6.47 -29.01 8.92
C ASP A 61 -4.98 -28.90 8.64
N TYR A 62 -4.61 -27.94 7.80
CA TYR A 62 -3.20 -27.79 7.46
C TYR A 62 -2.54 -26.57 8.07
N ASP A 63 -3.18 -25.99 9.08
CA ASP A 63 -2.65 -24.83 9.80
C ASP A 63 -2.05 -23.83 8.82
N VAL A 64 -2.92 -23.07 8.14
CA VAL A 64 -2.46 -22.12 7.14
C VAL A 64 -3.27 -20.84 7.06
N VAL A 65 -2.60 -19.77 6.66
CA VAL A 65 -3.24 -18.48 6.48
C VAL A 65 -3.19 -18.24 4.97
N VAL A 66 -4.31 -17.87 4.38
CA VAL A 66 -4.38 -17.60 2.95
C VAL A 66 -4.46 -16.11 2.69
N ILE A 67 -3.53 -15.62 1.89
CA ILE A 67 -3.47 -14.21 1.54
C ILE A 67 -3.50 -14.04 0.04
N GLY A 68 -4.48 -13.27 -0.45
CA GLY A 68 -4.60 -13.03 -1.88
C GLY A 68 -4.02 -11.65 -2.16
N VAL A 69 -3.44 -11.46 -3.35
CA VAL A 69 -2.85 -10.19 -3.71
C VAL A 69 -3.14 -9.79 -5.15
N SER A 70 -3.51 -8.53 -5.33
CA SER A 70 -3.79 -7.97 -6.65
C SER A 70 -3.57 -6.47 -6.55
N SER A 71 -3.51 -5.80 -7.70
CA SER A 71 -3.30 -4.36 -7.73
C SER A 71 -4.56 -3.54 -7.43
N ASP A 72 -5.68 -4.20 -7.18
CA ASP A 72 -6.91 -3.48 -6.89
C ASP A 72 -6.86 -2.83 -5.52
N ASP A 73 -7.62 -1.76 -5.33
CA ASP A 73 -7.61 -1.07 -4.06
C ASP A 73 -8.43 -1.78 -2.99
N ILE A 74 -8.41 -1.22 -1.79
CA ILE A 74 -9.10 -1.77 -0.63
C ILE A 74 -10.60 -1.95 -0.82
N ASN A 75 -11.28 -0.89 -1.27
CA ASN A 75 -12.72 -0.96 -1.47
C ASN A 75 -13.06 -2.04 -2.49
N SER A 76 -12.28 -2.15 -3.55
CA SER A 76 -12.52 -3.18 -4.55
C SER A 76 -12.39 -4.54 -3.89
N HIS A 77 -11.41 -4.66 -2.99
CA HIS A 77 -11.19 -5.91 -2.27
C HIS A 77 -12.35 -6.27 -1.36
N LYS A 78 -12.85 -5.31 -0.59
N LYS A 78 -12.84 -5.30 -0.60
CA LYS A 78 -13.97 -5.59 0.30
CA LYS A 78 -13.96 -5.54 0.31
C LYS A 78 -15.21 -6.01 -0.49
C LYS A 78 -15.19 -6.00 -0.48
N ARG A 79 -15.48 -5.30 -1.59
CA ARG A 79 -16.64 -5.63 -2.43
C ARG A 79 -16.55 -7.03 -3.02
N PHE A 80 -15.37 -7.38 -3.55
CA PHE A 80 -15.13 -8.69 -4.16
C PHE A 80 -15.32 -9.76 -3.08
N LYS A 81 -14.73 -9.51 -1.93
CA LYS A 81 -14.78 -10.40 -0.79
C LYS A 81 -16.21 -10.57 -0.27
N GLU A 82 -16.95 -9.48 -0.17
CA GLU A 82 -18.32 -9.54 0.32
C GLU A 82 -19.23 -10.21 -0.70
N LYS A 83 -19.03 -9.90 -1.98
CA LYS A 83 -19.84 -10.46 -3.06
C LYS A 83 -19.74 -11.97 -3.21
N TYR A 84 -18.59 -12.55 -2.88
CA TYR A 84 -18.46 -14.00 -3.01
C TYR A 84 -18.20 -14.70 -1.70
N LYS A 85 -18.40 -13.97 -0.60
CA LYS A 85 -18.21 -14.52 0.73
C LYS A 85 -16.82 -15.14 0.95
N LEU A 86 -15.78 -14.45 0.49
CA LEU A 86 -14.42 -14.93 0.66
C LEU A 86 -14.01 -14.71 2.11
N PRO A 87 -13.54 -15.78 2.79
CA PRO A 87 -13.12 -15.71 4.20
C PRO A 87 -11.68 -15.29 4.47
N PHE A 88 -10.82 -15.37 3.46
CA PHE A 88 -9.42 -15.04 3.63
C PHE A 88 -9.06 -13.56 3.46
N ILE A 89 -7.77 -13.27 3.60
CA ILE A 89 -7.26 -11.92 3.47
C ILE A 89 -6.92 -11.53 2.04
N LEU A 90 -7.15 -10.27 1.70
CA LEU A 90 -6.82 -9.74 0.39
C LEU A 90 -5.94 -8.51 0.62
N VAL A 91 -4.77 -8.49 0.00
CA VAL A 91 -3.84 -7.38 0.14
C VAL A 91 -3.83 -6.55 -1.13
N SER A 92 -3.80 -5.23 -0.98
CA SER A 92 -3.73 -4.34 -2.14
C SER A 92 -2.27 -4.05 -2.45
N ASP A 93 -1.93 -4.15 -3.72
CA ASP A 93 -0.56 -3.93 -4.19
C ASP A 93 -0.58 -2.86 -5.29
N PRO A 94 -1.03 -1.63 -4.94
CA PRO A 94 -1.17 -0.45 -5.79
C PRO A 94 -0.06 -0.17 -6.80
N ASP A 95 1.19 -0.18 -6.37
CA ASP A 95 2.30 0.09 -7.27
C ASP A 95 3.08 -1.16 -7.66
N LYS A 96 2.43 -2.31 -7.50
CA LYS A 96 3.01 -3.61 -7.86
C LYS A 96 4.34 -3.98 -7.20
N LYS A 97 4.63 -3.39 -6.04
CA LYS A 97 5.88 -3.67 -5.33
C LYS A 97 5.94 -5.08 -4.74
N ILE A 98 4.81 -5.60 -4.29
CA ILE A 98 4.80 -6.95 -3.74
C ILE A 98 4.99 -7.95 -4.88
N ARG A 99 4.32 -7.69 -6.00
CA ARG A 99 4.46 -8.56 -7.17
C ARG A 99 5.91 -8.60 -7.63
N GLU A 100 6.51 -7.42 -7.72
CA GLU A 100 7.90 -7.32 -8.14
C GLU A 100 8.78 -8.15 -7.21
N LEU A 101 8.54 -8.03 -5.91
N LEU A 101 8.53 -8.03 -5.92
CA LEU A 101 9.31 -8.78 -4.92
CA LEU A 101 9.29 -8.76 -4.92
C LEU A 101 9.25 -10.28 -5.22
C LEU A 101 9.24 -10.26 -5.18
N TYR A 102 8.06 -10.76 -5.55
CA TYR A 102 7.88 -12.18 -5.83
C TYR A 102 8.04 -12.59 -7.29
N GLY A 103 8.49 -11.66 -8.13
CA GLY A 103 8.68 -11.95 -9.54
C GLY A 103 7.38 -12.34 -10.23
N ALA A 104 6.27 -11.75 -9.77
CA ALA A 104 4.97 -12.06 -10.33
C ALA A 104 4.38 -10.94 -11.19
N LYS A 105 5.23 -10.07 -11.72
CA LYS A 105 4.74 -8.97 -12.56
C LYS A 105 4.11 -9.45 -13.86
N GLY A 106 4.63 -10.55 -14.40
CA GLY A 106 4.09 -11.09 -15.64
C GLY A 106 4.60 -10.27 -16.82
N PHE A 107 4.13 -10.59 -18.02
CA PHE A 107 4.55 -9.86 -19.21
C PHE A 107 3.38 -9.31 -20.02
N ILE A 108 2.44 -10.17 -20.42
CA ILE A 108 1.28 -9.69 -21.17
C ILE A 108 0.14 -9.41 -20.19
N LEU A 109 0.39 -9.66 -18.91
CA LEU A 109 -0.58 -9.40 -17.85
C LEU A 109 -0.07 -9.94 -16.52
N PRO A 110 -0.62 -9.44 -15.39
CA PRO A 110 -0.17 -9.90 -14.07
C PRO A 110 -0.23 -11.43 -13.98
N ALA A 111 0.86 -12.04 -13.52
CA ALA A 111 0.91 -13.48 -13.39
C ALA A 111 -0.01 -14.03 -12.32
N ARG A 112 -0.65 -15.16 -12.62
CA ARG A 112 -1.51 -15.83 -11.66
C ARG A 112 -0.56 -16.90 -11.12
N ILE A 113 0.08 -16.58 -10.00
CA ILE A 113 1.06 -17.48 -9.40
C ILE A 113 0.83 -17.59 -7.90
N THR A 114 0.96 -18.82 -7.39
CA THR A 114 0.75 -19.10 -5.98
C THR A 114 1.98 -19.68 -5.30
N PHE A 115 2.25 -19.20 -4.09
CA PHE A 115 3.41 -19.62 -3.31
C PHE A 115 2.95 -20.25 -2.00
N VAL A 116 3.56 -21.38 -1.63
CA VAL A 116 3.25 -22.04 -0.37
C VAL A 116 4.51 -21.94 0.49
N ILE A 117 4.37 -21.32 1.65
CA ILE A 117 5.47 -21.10 2.57
C ILE A 117 5.31 -21.88 3.87
N ASP A 118 6.35 -22.57 4.33
CA ASP A 118 6.25 -23.34 5.57
C ASP A 118 6.55 -22.50 6.80
N LYS A 119 6.54 -23.15 7.97
CA LYS A 119 6.76 -22.47 9.23
C LYS A 119 8.19 -22.00 9.48
N LYS A 120 9.09 -22.33 8.56
CA LYS A 120 10.47 -21.89 8.67
C LYS A 120 10.66 -20.71 7.73
N GLY A 121 9.55 -20.25 7.14
CA GLY A 121 9.60 -19.14 6.22
C GLY A 121 10.22 -19.50 4.89
N ILE A 122 10.22 -20.79 4.57
CA ILE A 122 10.81 -21.27 3.31
C ILE A 122 9.74 -21.56 2.26
N ILE A 123 9.97 -21.11 1.04
CA ILE A 123 9.04 -21.38 -0.05
C ILE A 123 9.16 -22.85 -0.39
N ARG A 124 8.04 -23.57 -0.29
CA ARG A 124 8.02 -25.01 -0.55
C ARG A 124 7.39 -25.40 -1.87
N HIS A 125 6.69 -24.47 -2.52
CA HIS A 125 6.05 -24.78 -3.77
C HIS A 125 5.60 -23.51 -4.49
N ILE A 126 5.74 -23.53 -5.81
CA ILE A 126 5.35 -22.41 -6.65
C ILE A 126 4.53 -22.96 -7.80
N TYR A 127 3.36 -22.38 -8.03
CA TYR A 127 2.50 -22.83 -9.13
C TYR A 127 2.09 -21.62 -9.94
N ASN A 128 2.58 -21.55 -11.17
CA ASN A 128 2.30 -20.43 -12.07
C ASN A 128 1.47 -20.88 -13.26
N SER A 129 0.20 -20.48 -13.28
CA SER A 129 -0.70 -20.87 -14.35
C SER A 129 -1.88 -19.91 -14.51
N GLN A 130 -1.90 -19.19 -15.63
CA GLN A 130 -2.99 -18.25 -15.88
C GLN A 130 -4.30 -18.95 -16.24
N MET A 131 -4.19 -19.99 -17.08
CA MET A 131 -5.35 -20.73 -17.58
C MET A 131 -6.09 -21.68 -16.64
N ASN A 132 -5.48 -22.07 -15.52
CA ASN A 132 -6.14 -23.00 -14.60
C ASN A 132 -6.39 -22.40 -13.22
N PRO A 133 -7.23 -21.35 -13.15
CA PRO A 133 -7.55 -20.67 -11.88
C PRO A 133 -7.99 -21.56 -10.72
N ALA A 134 -8.87 -22.52 -10.97
CA ALA A 134 -9.35 -23.40 -9.92
C ALA A 134 -8.29 -24.38 -9.44
N ASN A 135 -7.31 -24.67 -10.28
CA ASN A 135 -6.27 -25.62 -9.90
C ASN A 135 -5.27 -25.07 -8.88
N HIS A 136 -5.26 -23.76 -8.69
CA HIS A 136 -4.33 -23.17 -7.74
C HIS A 136 -4.54 -23.69 -6.32
N VAL A 137 -5.80 -23.89 -5.92
CA VAL A 137 -6.05 -24.37 -4.57
C VAL A 137 -5.62 -25.83 -4.45
N ASN A 138 -5.76 -26.61 -5.53
CA ASN A 138 -5.35 -28.01 -5.50
C ASN A 138 -3.84 -28.12 -5.31
N GLU A 139 -3.10 -27.28 -6.03
CA GLU A 139 -1.65 -27.29 -5.91
C GLU A 139 -1.21 -26.85 -4.52
N ALA A 140 -1.91 -25.85 -3.97
CA ALA A 140 -1.60 -25.37 -2.63
C ALA A 140 -1.84 -26.50 -1.63
N LEU A 141 -2.92 -27.24 -1.82
CA LEU A 141 -3.25 -28.36 -0.94
C LEU A 141 -2.22 -29.47 -1.03
N LYS A 142 -1.74 -29.77 -2.23
CA LYS A 142 -0.74 -30.82 -2.38
C LYS A 142 0.54 -30.46 -1.62
N ALA A 143 0.92 -29.19 -1.70
CA ALA A 143 2.12 -28.71 -0.99
C ALA A 143 1.89 -28.78 0.51
N LEU A 144 0.70 -28.37 0.95
CA LEU A 144 0.36 -28.38 2.37
C LEU A 144 0.33 -29.82 2.90
N LYS A 145 -0.10 -30.76 2.06
CA LYS A 145 -0.14 -32.16 2.45
C LYS A 145 1.27 -32.69 2.60
N GLN A 146 2.16 -32.31 1.68
CA GLN A 146 3.55 -32.74 1.75
C GLN A 146 4.13 -32.24 3.08
N ILE A 147 3.92 -30.95 3.36
CA ILE A 147 4.43 -30.35 4.59
C ILE A 147 3.86 -31.02 5.85
N LYS A 148 2.56 -31.27 5.86
CA LYS A 148 1.93 -31.90 7.02
C LYS A 148 2.50 -33.29 7.23
N GLU A 149 2.71 -34.00 6.12
N GLU A 149 2.70 -34.03 6.14
CA GLU A 149 3.25 -35.35 6.13
CA GLU A 149 3.24 -35.39 6.24
C GLU A 149 4.65 -35.39 6.77
C GLU A 149 4.64 -35.37 6.86
N GLU A 150 5.37 -34.29 6.66
CA GLU A 150 6.72 -34.20 7.23
C GLU A 150 6.64 -33.83 8.72
N GLU A 151 5.57 -33.14 9.09
CA GLU A 151 5.36 -32.73 10.48
C GLU A 151 4.94 -33.94 11.31
N ILE A 152 3.82 -34.54 10.91
CA ILE A 152 3.27 -35.71 11.60
C ILE A 152 4.35 -36.69 11.98
N SER A 153 5.31 -36.91 11.08
CA SER A 153 6.41 -37.82 11.31
C SER A 153 7.28 -37.91 10.06
N VAL B 2 16.11 13.59 -4.88
CA VAL B 2 15.09 14.52 -5.43
C VAL B 2 15.43 15.95 -5.08
N LYS B 3 15.40 16.82 -6.08
CA LYS B 3 15.74 18.21 -5.85
C LYS B 3 14.83 19.16 -6.61
N VAL B 4 14.80 20.42 -6.16
CA VAL B 4 14.00 21.44 -6.79
C VAL B 4 14.39 21.50 -8.28
N GLY B 5 13.39 21.42 -9.15
CA GLY B 5 13.66 21.46 -10.58
C GLY B 5 13.38 20.12 -11.22
N ASP B 6 13.46 19.04 -10.43
CA ASP B 6 13.19 17.71 -10.95
C ASP B 6 11.70 17.50 -11.18
N LYS B 7 11.37 16.50 -11.99
CA LYS B 7 9.99 16.13 -12.22
C LYS B 7 9.63 15.35 -10.97
N ALA B 8 8.45 15.58 -10.42
CA ALA B 8 8.03 14.87 -9.22
C ALA B 8 7.86 13.39 -9.54
N PRO B 9 8.51 12.50 -8.77
CA PRO B 9 8.39 11.06 -9.03
C PRO B 9 6.93 10.62 -8.90
N LEU B 10 6.46 9.86 -9.88
CA LEU B 10 5.10 9.38 -9.87
C LEU B 10 4.99 8.14 -9.01
N PHE B 11 3.82 7.95 -8.40
CA PHE B 11 3.60 6.79 -7.55
C PHE B 11 2.11 6.53 -7.43
N GLU B 12 1.78 5.37 -6.90
CA GLU B 12 0.40 4.98 -6.69
C GLU B 12 0.35 4.42 -5.26
N GLY B 13 -0.70 4.76 -4.53
CA GLY B 13 -0.83 4.28 -3.17
C GLY B 13 -2.30 4.15 -2.80
N ILE B 14 -2.55 3.85 -1.53
CA ILE B 14 -3.91 3.71 -1.04
C ILE B 14 -4.26 4.93 -0.21
N ALA B 15 -5.35 5.60 -0.56
CA ALA B 15 -5.79 6.79 0.17
C ALA B 15 -6.62 6.39 1.39
N ASP B 16 -6.82 7.33 2.31
CA ASP B 16 -7.56 7.05 3.52
C ASP B 16 -9.00 6.56 3.29
N ASN B 17 -9.56 6.85 2.12
CA ASN B 17 -10.93 6.43 1.81
C ASN B 17 -10.98 5.04 1.17
N GLY B 18 -9.87 4.30 1.24
CA GLY B 18 -9.83 2.96 0.66
C GLY B 18 -9.61 2.94 -0.83
N GLU B 19 -9.61 4.12 -1.45
CA GLU B 19 -9.43 4.24 -2.89
C GLU B 19 -7.95 4.34 -3.26
N LYS B 20 -7.60 3.86 -4.45
CA LYS B 20 -6.22 3.95 -4.89
C LYS B 20 -5.98 5.38 -5.38
N ILE B 21 -4.77 5.88 -5.17
CA ILE B 21 -4.45 7.23 -5.61
C ILE B 21 -3.19 7.23 -6.45
N SER B 22 -3.22 7.95 -7.57
CA SER B 22 -2.07 8.05 -8.46
C SER B 22 -1.71 9.52 -8.58
N LEU B 23 -0.46 9.85 -8.24
N LEU B 23 -0.46 9.85 -8.24
CA LEU B 23 -0.02 11.23 -8.31
CA LEU B 23 -0.02 11.24 -8.31
C LEU B 23 -0.35 11.82 -9.68
C LEU B 23 -0.33 11.83 -9.69
N SER B 24 -0.18 11.01 -10.73
CA SER B 24 -0.46 11.44 -12.09
C SER B 24 -1.87 11.98 -12.28
N ASP B 25 -2.81 11.55 -11.44
CA ASP B 25 -4.19 12.02 -11.53
C ASP B 25 -4.28 13.52 -11.20
N TYR B 26 -3.31 14.03 -10.45
CA TYR B 26 -3.33 15.44 -10.06
C TYR B 26 -2.32 16.31 -10.81
N ILE B 27 -1.26 15.68 -11.32
CA ILE B 27 -0.23 16.42 -12.05
C ILE B 27 -0.85 17.15 -13.24
N GLY B 28 -0.69 18.47 -13.26
CA GLY B 28 -1.23 19.25 -14.36
C GLY B 28 -2.59 19.87 -14.05
N LYS B 29 -3.35 19.24 -13.15
CA LYS B 29 -4.68 19.77 -12.80
C LYS B 29 -4.59 20.78 -11.65
N HIS B 30 -3.70 20.54 -10.70
CA HIS B 30 -3.56 21.44 -9.57
C HIS B 30 -2.14 21.46 -9.03
N ASN B 31 -1.84 22.46 -8.23
CA ASN B 31 -0.54 22.52 -7.60
C ASN B 31 -0.65 21.45 -6.54
N ILE B 32 0.48 20.90 -6.11
CA ILE B 32 0.42 19.85 -5.11
C ILE B 32 1.37 20.07 -3.95
N VAL B 33 0.88 19.79 -2.75
CA VAL B 33 1.71 19.88 -1.55
C VAL B 33 1.72 18.43 -1.05
N LEU B 34 2.87 17.78 -1.17
CA LEU B 34 2.99 16.38 -0.73
C LEU B 34 3.85 16.44 0.52
N TYR B 35 3.27 16.15 1.67
CA TYR B 35 4.05 16.22 2.89
C TYR B 35 4.14 14.90 3.63
N PHE B 36 5.37 14.53 4.00
CA PHE B 36 5.63 13.30 4.72
C PHE B 36 5.77 13.60 6.20
N TYR B 37 5.18 12.75 7.04
CA TYR B 37 5.27 12.92 8.49
C TYR B 37 5.47 11.53 9.08
N PRO B 38 6.14 11.44 10.23
CA PRO B 38 6.43 10.17 10.90
C PRO B 38 5.29 9.24 11.25
N LYS B 39 4.35 9.71 12.06
CA LYS B 39 3.27 8.85 12.49
C LYS B 39 2.00 9.61 12.88
N ASP B 40 0.86 9.01 12.58
CA ASP B 40 -0.43 9.61 12.91
C ASP B 40 -0.56 9.91 14.40
N ASP B 41 -1.37 10.91 14.70
CA ASP B 41 -1.71 11.28 16.06
C ASP B 41 -0.59 11.37 17.10
N THR B 42 0.54 11.95 16.72
CA THR B 42 1.65 12.14 17.65
C THR B 42 1.73 13.65 17.78
N PRO B 43 2.30 14.17 18.88
CA PRO B 43 2.39 15.62 19.05
C PRO B 43 2.88 16.41 17.85
N GLY B 44 4.03 16.02 17.32
CA GLY B 44 4.57 16.75 16.18
C GLY B 44 3.73 16.70 14.92
N SER B 45 3.31 15.50 14.52
CA SER B 45 2.53 15.37 13.30
C SER B 45 1.10 15.89 13.46
N THR B 46 0.62 15.96 14.69
CA THR B 46 -0.73 16.47 14.93
C THR B 46 -0.67 17.98 14.71
N ARG B 47 0.41 18.60 15.21
N ARG B 47 0.41 18.60 15.20
CA ARG B 47 0.63 20.03 15.07
CA ARG B 47 0.58 20.04 15.04
C ARG B 47 0.75 20.39 13.59
C ARG B 47 0.73 20.39 13.57
N GLU B 48 1.46 19.55 12.83
CA GLU B 48 1.64 19.80 11.40
C GLU B 48 0.33 19.66 10.65
N ALA B 49 -0.40 18.60 10.92
CA ALA B 49 -1.69 18.37 10.27
C ALA B 49 -2.68 19.48 10.59
N SER B 50 -2.74 19.88 11.86
CA SER B 50 -3.66 20.92 12.31
C SER B 50 -3.32 22.26 11.68
N ALA B 51 -2.04 22.51 11.46
CA ALA B 51 -1.62 23.75 10.84
C ALA B 51 -2.14 23.81 9.41
N PHE B 52 -2.08 22.69 8.69
CA PHE B 52 -2.59 22.65 7.33
C PHE B 52 -4.10 22.87 7.39
N ARG B 53 -4.74 22.21 8.35
CA ARG B 53 -6.20 22.34 8.53
C ARG B 53 -6.62 23.79 8.78
N ASP B 54 -5.95 24.45 9.71
CA ASP B 54 -6.29 25.82 10.07
C ASP B 54 -6.09 26.85 8.95
N ASN B 55 -5.29 26.50 7.96
CA ASN B 55 -5.02 27.40 6.84
C ASN B 55 -5.78 26.99 5.59
N TRP B 56 -6.77 26.11 5.75
CA TRP B 56 -7.54 25.62 4.61
C TRP B 56 -8.15 26.71 3.73
N ASP B 57 -8.83 27.67 4.34
CA ASP B 57 -9.44 28.76 3.57
C ASP B 57 -8.37 29.49 2.77
N LEU B 58 -7.25 29.78 3.40
CA LEU B 58 -6.15 30.48 2.73
C LEU B 58 -5.65 29.67 1.53
N LEU B 59 -5.43 28.37 1.75
CA LEU B 59 -4.94 27.50 0.67
C LEU B 59 -5.89 27.45 -0.52
N LYS B 60 -7.16 27.78 -0.29
CA LYS B 60 -8.15 27.78 -1.36
C LYS B 60 -7.80 28.73 -2.51
N ASP B 61 -7.03 29.78 -2.22
CA ASP B 61 -6.66 30.75 -3.25
C ASP B 61 -5.50 30.31 -4.11
N TYR B 62 -4.86 29.18 -3.79
CA TYR B 62 -3.71 28.76 -4.56
C TYR B 62 -3.86 27.53 -5.44
N ASP B 63 -5.11 27.18 -5.73
CA ASP B 63 -5.42 26.03 -6.59
C ASP B 63 -4.47 24.87 -6.31
N VAL B 64 -4.59 24.30 -5.12
CA VAL B 64 -3.71 23.22 -4.70
C VAL B 64 -4.43 22.07 -4.02
N VAL B 65 -3.83 20.89 -4.08
N VAL B 65 -3.82 20.89 -4.08
CA VAL B 65 -4.39 19.72 -3.43
CA VAL B 65 -4.35 19.70 -3.44
C VAL B 65 -3.33 19.28 -2.41
C VAL B 65 -3.31 19.27 -2.41
N VAL B 66 -3.76 19.03 -1.18
CA VAL B 66 -2.84 18.64 -0.11
C VAL B 66 -2.91 17.14 0.17
N ILE B 67 -1.76 16.50 0.14
CA ILE B 67 -1.68 15.07 0.37
C ILE B 67 -0.64 14.73 1.44
N GLY B 68 -1.09 14.08 2.51
CA GLY B 68 -0.17 13.71 3.58
C GLY B 68 0.22 12.25 3.39
N VAL B 69 1.43 11.90 3.85
CA VAL B 69 1.92 10.54 3.70
C VAL B 69 2.67 10.03 4.93
N SER B 70 2.35 8.81 5.36
CA SER B 70 3.03 8.20 6.49
C SER B 70 2.89 6.68 6.35
N SER B 71 3.63 5.94 7.16
CA SER B 71 3.60 4.49 7.12
C SER B 71 2.36 3.84 7.76
N ASP B 72 1.52 4.64 8.40
CA ASP B 72 0.32 4.12 9.06
C ASP B 72 -0.72 3.59 8.07
N ASP B 73 -1.50 2.61 8.50
CA ASP B 73 -2.52 2.04 7.63
C ASP B 73 -3.72 2.97 7.46
N ILE B 74 -4.68 2.50 6.67
CA ILE B 74 -5.89 3.24 6.36
C ILE B 74 -6.76 3.58 7.58
N ASN B 75 -6.96 2.61 8.46
CA ASN B 75 -7.78 2.83 9.64
C ASN B 75 -7.16 3.87 10.56
N SER B 76 -5.84 3.82 10.71
CA SER B 76 -5.14 4.78 11.55
C SER B 76 -5.37 6.16 10.92
N HIS B 77 -5.24 6.25 9.61
CA HIS B 77 -5.45 7.51 8.90
C HIS B 77 -6.86 8.05 9.09
N LYS B 78 -7.86 7.17 8.96
CA LYS B 78 -9.25 7.58 9.12
C LYS B 78 -9.52 8.15 10.52
N ARG B 79 -9.01 7.48 11.54
CA ARG B 79 -9.19 7.92 12.93
C ARG B 79 -8.55 9.28 13.19
N PHE B 80 -7.31 9.44 12.72
CA PHE B 80 -6.53 10.68 12.87
C PHE B 80 -7.28 11.83 12.22
N LYS B 81 -7.77 11.57 11.01
CA LYS B 81 -8.49 12.54 10.20
C LYS B 81 -9.82 12.95 10.87
N GLU B 82 -10.52 11.97 11.42
CA GLU B 82 -11.79 12.21 12.09
C GLU B 82 -11.57 12.98 13.40
N LYS B 83 -10.61 12.51 14.18
CA LYS B 83 -10.29 13.12 15.46
C LYS B 83 -9.99 14.61 15.35
N TYR B 84 -9.21 15.00 14.35
CA TYR B 84 -8.86 16.41 14.18
C TYR B 84 -9.56 17.12 13.03
N LYS B 85 -10.53 16.43 12.42
CA LYS B 85 -11.26 17.02 11.30
C LYS B 85 -10.35 17.54 10.20
N LEU B 86 -9.42 16.68 9.76
CA LEU B 86 -8.50 17.01 8.69
C LEU B 86 -9.28 16.84 7.39
N PRO B 87 -9.35 17.90 6.58
CA PRO B 87 -10.07 17.88 5.30
C PRO B 87 -9.28 17.37 4.10
N PHE B 88 -8.00 17.05 4.30
CA PHE B 88 -7.18 16.59 3.18
C PHE B 88 -6.93 15.09 3.12
N ILE B 89 -6.33 14.65 2.02
CA ILE B 89 -6.02 13.24 1.76
C ILE B 89 -4.80 12.76 2.55
N LEU B 90 -4.86 11.51 3.00
CA LEU B 90 -3.76 10.89 3.71
C LEU B 90 -3.48 9.57 3.00
N VAL B 91 -2.24 9.39 2.54
CA VAL B 91 -1.87 8.18 1.83
C VAL B 91 -1.10 7.26 2.75
N SER B 92 -1.46 5.98 2.72
CA SER B 92 -0.79 4.98 3.53
C SER B 92 0.41 4.46 2.72
N ASP B 93 1.59 4.50 3.33
CA ASP B 93 2.84 4.06 2.69
C ASP B 93 3.48 2.93 3.53
N PRO B 94 2.77 1.81 3.68
CA PRO B 94 3.10 0.59 4.43
C PRO B 94 4.55 0.11 4.37
N ASP B 95 5.11 -0.06 3.18
N ASP B 95 5.02 -0.01 3.13
CA ASP B 95 6.48 -0.53 3.08
CA ASP B 95 6.35 -0.48 2.77
C ASP B 95 7.48 0.60 2.85
C ASP B 95 7.40 0.62 2.63
N LYS B 96 7.03 1.85 2.98
CA LYS B 96 7.92 2.99 2.83
C LYS B 96 8.43 3.21 1.40
N LYS B 97 7.72 2.67 0.41
CA LYS B 97 8.12 2.82 -0.99
C LYS B 97 7.97 4.22 -1.52
N ILE B 98 6.92 4.92 -1.11
CA ILE B 98 6.71 6.29 -1.58
C ILE B 98 7.75 7.18 -0.91
N ARG B 99 8.01 6.91 0.36
CA ARG B 99 8.99 7.66 1.13
C ARG B 99 10.37 7.50 0.47
N GLU B 100 10.67 6.27 0.04
CA GLU B 100 11.93 5.96 -0.61
C GLU B 100 12.06 6.72 -1.93
N LEU B 101 11.00 6.76 -2.71
CA LEU B 101 10.99 7.48 -3.98
C LEU B 101 11.40 8.93 -3.80
N TYR B 102 10.90 9.54 -2.73
CA TYR B 102 11.18 10.93 -2.44
C TYR B 102 12.37 11.18 -1.52
N GLY B 103 13.15 10.13 -1.26
CA GLY B 103 14.29 10.25 -0.38
C GLY B 103 13.91 10.78 0.99
N ALA B 104 12.74 10.39 1.47
CA ALA B 104 12.25 10.86 2.77
C ALA B 104 12.33 9.81 3.88
N LYS B 105 13.20 8.81 3.73
CA LYS B 105 13.31 7.77 4.74
C LYS B 105 13.83 8.26 6.08
N GLY B 106 14.65 9.30 6.07
CA GLY B 106 15.20 9.80 7.32
C GLY B 106 16.25 8.83 7.83
N PHE B 107 16.71 9.04 9.06
CA PHE B 107 17.74 8.16 9.61
C PHE B 107 17.43 7.68 11.02
N ILE B 108 17.15 8.61 11.92
CA ILE B 108 16.81 8.23 13.29
C ILE B 108 15.29 8.24 13.42
N LEU B 109 14.63 8.82 12.42
CA LEU B 109 13.18 8.93 12.40
C LEU B 109 12.75 9.25 10.97
N PRO B 110 11.54 8.84 10.56
CA PRO B 110 11.13 9.16 9.19
C PRO B 110 11.18 10.68 9.03
N ALA B 111 11.70 11.15 7.91
CA ALA B 111 11.82 12.57 7.69
C ALA B 111 10.48 13.31 7.59
N ARG B 112 10.39 14.47 8.24
CA ARG B 112 9.20 15.30 8.15
C ARG B 112 9.59 16.27 7.03
N ILE B 113 9.24 15.92 5.80
CA ILE B 113 9.62 16.74 4.68
C ILE B 113 8.45 17.00 3.74
N THR B 114 8.36 18.26 3.29
CA THR B 114 7.28 18.70 2.43
C THR B 114 7.75 19.12 1.03
N PHE B 115 7.01 18.70 0.01
CA PHE B 115 7.33 19.01 -1.38
C PHE B 115 6.17 19.80 -2.00
N VAL B 116 6.49 20.84 -2.76
CA VAL B 116 5.47 21.64 -3.44
C VAL B 116 5.70 21.44 -4.94
N ILE B 117 4.68 20.93 -5.62
CA ILE B 117 4.75 20.62 -7.04
C ILE B 117 3.85 21.54 -7.87
N ASP B 118 4.37 22.09 -8.97
CA ASP B 118 3.55 22.97 -9.79
C ASP B 118 2.78 22.19 -10.84
N LYS B 119 2.02 22.91 -11.68
CA LYS B 119 1.19 22.27 -12.70
C LYS B 119 1.96 21.64 -13.85
N LYS B 120 3.26 21.84 -13.88
CA LYS B 120 4.10 21.23 -14.89
C LYS B 120 4.70 19.97 -14.28
N GLY B 121 4.22 19.64 -13.08
CA GLY B 121 4.70 18.45 -12.39
C GLY B 121 6.15 18.58 -11.95
N ILE B 122 6.60 19.81 -11.78
CA ILE B 122 7.98 20.07 -11.36
C ILE B 122 8.04 20.46 -9.88
N ILE B 123 9.02 19.92 -9.16
CA ILE B 123 9.21 20.23 -7.75
C ILE B 123 9.75 21.65 -7.65
N ARG B 124 8.96 22.52 -7.01
CA ARG B 124 9.33 23.92 -6.87
C ARG B 124 9.89 24.30 -5.50
N HIS B 125 9.62 23.48 -4.49
CA HIS B 125 10.10 23.78 -3.15
C HIS B 125 10.15 22.54 -2.27
N ILE B 126 11.15 22.49 -1.39
CA ILE B 126 11.33 21.37 -0.48
C ILE B 126 11.67 21.90 0.91
N TYR B 127 10.88 21.52 1.90
CA TYR B 127 11.15 21.95 3.26
C TYR B 127 11.30 20.72 4.15
N ASN B 128 12.50 20.54 4.67
CA ASN B 128 12.79 19.39 5.52
C ASN B 128 13.12 19.86 6.93
N SER B 129 12.20 19.65 7.85
CA SER B 129 12.40 20.06 9.25
C SER B 129 11.54 19.28 10.24
N GLN B 130 12.20 18.51 11.10
CA GLN B 130 11.49 17.71 12.09
C GLN B 130 10.92 18.56 13.24
N MET B 131 11.71 19.52 13.70
CA MET B 131 11.34 20.37 14.83
C MET B 131 10.34 21.50 14.61
N ASN B 132 10.04 21.84 13.36
CA ASN B 132 9.10 22.94 13.13
C ASN B 132 7.84 22.48 12.38
N PRO B 133 7.05 21.58 13.00
CA PRO B 133 5.82 21.02 12.45
C PRO B 133 4.88 22.03 11.81
N ALA B 134 4.51 23.05 12.58
CA ALA B 134 3.58 24.06 12.10
C ALA B 134 4.12 24.96 11.01
N ASN B 135 5.44 24.99 10.86
CA ASN B 135 6.05 25.85 9.84
C ASN B 135 5.96 25.27 8.43
N HIS B 136 5.64 23.98 8.32
CA HIS B 136 5.55 23.36 7.00
C HIS B 136 4.49 23.98 6.12
N VAL B 137 3.34 24.33 6.72
CA VAL B 137 2.27 24.95 5.94
C VAL B 137 2.70 26.34 5.49
N ASN B 138 3.50 27.02 6.30
CA ASN B 138 3.97 28.37 5.95
C ASN B 138 4.90 28.30 4.75
N GLU B 139 5.78 27.29 4.75
CA GLU B 139 6.71 27.12 3.66
C GLU B 139 5.95 26.72 2.39
N ALA B 140 4.90 25.92 2.54
CA ALA B 140 4.11 25.52 1.38
C ALA B 140 3.46 26.77 0.79
N LEU B 141 2.89 27.60 1.66
CA LEU B 141 2.23 28.82 1.23
C LEU B 141 3.16 29.75 0.46
N LYS B 142 4.36 29.95 0.97
CA LYS B 142 5.33 30.80 0.30
C LYS B 142 5.64 30.27 -1.10
N ALA B 143 5.73 28.95 -1.23
CA ALA B 143 6.01 28.34 -2.52
C ALA B 143 4.81 28.51 -3.44
N LEU B 144 3.61 28.38 -2.88
CA LEU B 144 2.38 28.53 -3.64
C LEU B 144 2.19 29.98 -4.08
N LYS B 145 2.68 30.91 -3.27
CA LYS B 145 2.58 32.33 -3.59
C LYS B 145 3.54 32.65 -4.72
N GLN B 146 4.73 32.06 -4.68
CA GLN B 146 5.74 32.28 -5.71
C GLN B 146 5.16 31.78 -7.04
N ILE B 147 4.57 30.59 -7.00
CA ILE B 147 3.98 29.99 -8.20
C ILE B 147 2.85 30.84 -8.77
N LYS B 148 1.94 31.28 -7.91
CA LYS B 148 0.81 32.07 -8.37
C LYS B 148 1.28 33.38 -9.01
N GLU B 149 2.34 33.95 -8.46
N GLU B 149 2.34 33.96 -8.46
CA GLU B 149 2.87 35.20 -8.97
CA GLU B 149 2.88 35.20 -8.99
C GLU B 149 3.45 35.04 -10.38
C GLU B 149 3.42 35.03 -10.41
N GLU B 150 3.90 33.83 -10.72
CA GLU B 150 4.46 33.57 -12.03
C GLU B 150 3.37 33.37 -13.08
N GLU B 151 2.21 32.89 -12.64
CA GLU B 151 1.11 32.65 -13.56
C GLU B 151 0.37 33.95 -13.84
C1 CIT C . -8.21 -11.62 -14.59
O1 CIT C . -8.66 -10.50 -14.74
O2 CIT C . -8.09 -12.11 -13.34
C2 CIT C . -7.77 -12.44 -15.79
C3 CIT C . -8.98 -12.89 -16.66
O7 CIT C . -9.91 -11.81 -16.83
C4 CIT C . -8.48 -13.38 -18.03
C5 CIT C . -8.20 -12.24 -18.99
O3 CIT C . -9.11 -11.53 -19.39
O4 CIT C . -6.95 -12.01 -19.42
C6 CIT C . -9.69 -14.05 -15.97
O5 CIT C . -10.88 -13.99 -15.76
O6 CIT C . -9.01 -15.14 -15.61
C1 CIT D . 6.10 12.68 14.88
O1 CIT D . 5.53 13.72 14.69
O2 CIT D . 5.52 11.53 14.54
C2 CIT D . 7.49 12.69 15.49
C3 CIT D . 7.42 12.67 17.05
O7 CIT D . 6.58 11.58 17.44
C4 CIT D . 8.83 12.43 17.66
C5 CIT D . 9.81 13.59 17.47
O3 CIT D . 9.92 14.44 18.32
O4 CIT D . 10.56 13.66 16.37
C6 CIT D . 6.81 13.98 17.56
O5 CIT D . 5.93 13.95 18.40
O6 CIT D . 7.22 15.17 17.09
C1 GOL E . 16.98 26.31 5.32
O1 GOL E . 15.77 25.39 5.88
C2 GOL E . 17.77 25.56 4.43
O2 GOL E . 16.99 24.83 3.60
C3 GOL E . 18.58 26.45 3.72
O3 GOL E . 18.86 25.88 2.23
C1 GOL F . 15.42 15.30 -0.67
O1 GOL F . 14.91 13.90 -1.27
C2 GOL F . 15.91 15.09 0.60
O2 GOL F . 17.14 14.53 0.54
C3 GOL F . 15.99 16.31 1.26
O3 GOL F . 16.24 16.03 2.83
#